data_7YY3
#
_entry.id   7YY3
#
_cell.length_a   75.931
_cell.length_b   125.405
_cell.length_c   119.364
_cell.angle_alpha   90.000
_cell.angle_beta   90.000
_cell.angle_gamma   90.000
#
_symmetry.space_group_name_H-M   'C 2 2 21'
#
loop_
_entity.id
_entity.type
_entity.pdbx_description
1 polymer 'Phosphopantetheine adenylyltransferase'
2 non-polymer '5-fluoroindole-2-carboxylic acid'
3 non-polymer 'MAGNESIUM ION'
4 water water
#
_entity_poly.entity_id   1
_entity_poly.type   'polypeptide(L)'
_entity_poly.pdbx_seq_one_letter_code
;SMTGAVCPGSFDPVTLGHLDVFERAAAQFDEVIVAVLINPNKAGMFTVDERIEMIRESTADLPNLRVESGQGLLVDFVRE
RGLNAIVKGLRTGTDFEYELQMAQMNKHIAGVDTFFVATAPAYSFVSSSLAKEVATYGGDVSALLPASVHQRLLGKLRGQ
AQ
;
_entity_poly.pdbx_strand_id   A,B,C
#
# COMPACT_ATOMS: atom_id res chain seq x y z
N MET A 2 18.49 5.30 -33.55
CA MET A 2 17.60 6.45 -33.39
C MET A 2 16.68 6.28 -32.18
N THR A 3 15.97 5.16 -32.11
CA THR A 3 15.00 4.97 -31.04
C THR A 3 15.68 4.55 -29.75
N GLY A 4 15.00 4.78 -28.63
CA GLY A 4 15.60 4.45 -27.35
C GLY A 4 14.62 4.53 -26.20
N ALA A 5 14.95 3.82 -25.13
CA ALA A 5 14.12 3.81 -23.95
C ALA A 5 14.97 3.71 -22.70
N VAL A 6 14.41 4.20 -21.60
CA VAL A 6 15.04 4.12 -20.29
C VAL A 6 14.27 3.12 -19.43
N CYS A 7 15.02 2.22 -18.76
CA CYS A 7 14.44 1.26 -17.83
CA CYS A 7 14.44 1.27 -17.85
C CYS A 7 14.84 1.66 -16.43
N PRO A 8 13.97 2.29 -15.65
CA PRO A 8 14.35 2.79 -14.33
C PRO A 8 14.04 1.80 -13.20
N GLY A 9 14.75 2.01 -12.10
CA GLY A 9 14.49 1.28 -10.87
C GLY A 9 15.59 1.52 -9.87
N SER A 10 15.36 1.03 -8.65
CA SER A 10 16.41 1.09 -7.65
CA SER A 10 16.39 1.06 -7.62
C SER A 10 17.39 -0.07 -7.78
N PHE A 11 16.91 -1.19 -8.33
CA PHE A 11 17.74 -2.40 -8.58
C PHE A 11 18.66 -2.67 -7.40
N ASP A 12 18.05 -2.87 -6.24
CA ASP A 12 18.79 -3.09 -4.98
C ASP A 12 18.41 -4.42 -4.32
N PRO A 13 18.72 -5.60 -4.88
CA PRO A 13 19.46 -5.75 -6.10
C PRO A 13 18.58 -6.07 -7.33
N VAL A 14 19.21 -6.08 -8.48
CA VAL A 14 18.53 -6.47 -9.74
C VAL A 14 18.06 -7.92 -9.60
N THR A 15 16.89 -8.21 -10.14
CA THR A 15 16.32 -9.56 -10.14
C THR A 15 16.23 -10.09 -11.56
N LEU A 16 15.89 -11.37 -11.68
CA LEU A 16 15.68 -11.97 -13.00
C LEU A 16 14.45 -11.38 -13.69
N GLY A 17 13.48 -10.90 -12.92
CA GLY A 17 12.37 -10.20 -13.52
C GLY A 17 12.80 -8.90 -14.21
N HIS A 18 13.69 -8.15 -13.55
CA HIS A 18 14.26 -6.96 -14.19
C HIS A 18 15.03 -7.31 -15.44
N LEU A 19 15.88 -8.33 -15.36
CA LEU A 19 16.70 -8.69 -16.52
C LEU A 19 15.83 -9.07 -17.71
N ASP A 20 14.71 -9.76 -17.45
CA ASP A 20 13.77 -10.09 -18.52
C ASP A 20 13.25 -8.82 -19.19
N VAL A 21 12.88 -7.82 -18.38
CA VAL A 21 12.44 -6.54 -18.94
C VAL A 21 13.55 -5.89 -19.76
N PHE A 22 14.77 -5.85 -19.22
CA PHE A 22 15.90 -5.27 -19.97
C PHE A 22 16.07 -5.94 -21.33
N GLU A 23 16.02 -7.25 -21.37
CA GLU A 23 16.21 -8.01 -22.63
C GLU A 23 15.09 -7.69 -23.64
N ARG A 24 13.87 -7.54 -23.14
CA ARG A 24 12.74 -7.24 -24.06
C ARG A 24 12.85 -5.82 -24.61
N ALA A 25 13.25 -4.88 -23.76
CA ALA A 25 13.43 -3.50 -24.24
C ALA A 25 14.59 -3.44 -25.22
N ALA A 26 15.67 -4.17 -24.94
CA ALA A 26 16.85 -4.16 -25.83
C ALA A 26 16.54 -4.78 -27.20
N ALA A 27 15.59 -5.70 -27.26
CA ALA A 27 15.21 -6.31 -28.54
C ALA A 27 14.29 -5.39 -29.34
N GLN A 28 13.70 -4.37 -28.74
CA GLN A 28 12.68 -3.56 -29.45
C GLN A 28 13.09 -2.10 -29.65
N PHE A 29 14.16 -1.65 -29.02
CA PHE A 29 14.62 -0.25 -29.16
C PHE A 29 16.10 -0.26 -29.57
N ASP A 30 16.55 0.75 -30.30
CA ASP A 30 17.97 0.76 -30.74
C ASP A 30 18.92 0.86 -29.54
N GLU A 31 18.59 1.66 -28.55
CA GLU A 31 19.43 1.73 -27.35
C GLU A 31 18.54 1.68 -26.12
N VAL A 32 19.07 1.08 -25.05
CA VAL A 32 18.39 1.05 -23.77
C VAL A 32 19.36 1.55 -22.71
N ILE A 33 18.87 2.42 -21.83
CA ILE A 33 19.64 2.85 -20.66
C ILE A 33 18.92 2.35 -19.42
N VAL A 34 19.63 1.58 -18.61
CA VAL A 34 19.14 1.19 -17.30
C VAL A 34 19.49 2.33 -16.34
N ALA A 35 18.48 2.94 -15.74
CA ALA A 35 18.67 4.11 -14.89
C ALA A 35 18.55 3.65 -13.43
N VAL A 36 19.67 3.62 -12.73
CA VAL A 36 19.72 3.18 -11.34
C VAL A 36 19.45 4.39 -10.45
N LEU A 37 18.27 4.40 -9.84
CA LEU A 37 17.84 5.46 -8.93
C LEU A 37 18.53 5.35 -7.57
N ILE A 38 19.21 6.41 -7.17
CA ILE A 38 19.87 6.49 -5.86
C ILE A 38 19.15 7.54 -5.04
N ASN A 39 18.78 7.21 -3.79
CA ASN A 39 18.24 8.20 -2.87
C ASN A 39 19.39 8.77 -2.07
N PRO A 40 19.72 10.06 -2.23
CA PRO A 40 20.88 10.61 -1.51
C PRO A 40 20.69 10.64 -0.02
N ASN A 41 19.48 10.35 0.48
CA ASN A 41 19.19 10.41 1.90
C ASN A 41 19.09 9.05 2.58
N LYS A 42 18.80 7.97 1.84
CA LYS A 42 18.70 6.64 2.45
C LYS A 42 19.47 5.63 1.62
N ALA A 43 20.53 5.08 2.20
CA ALA A 43 21.30 4.04 1.53
C ALA A 43 20.45 2.78 1.42
N GLY A 44 20.59 2.10 0.28
CA GLY A 44 20.00 0.79 0.13
C GLY A 44 20.91 -0.27 0.72
N MET A 45 20.64 -1.52 0.36
CA MET A 45 21.54 -2.59 0.76
C MET A 45 22.88 -2.52 0.02
N PHE A 46 22.85 -2.18 -1.25
CA PHE A 46 24.02 -2.16 -2.10
C PHE A 46 24.34 -0.71 -2.49
N THR A 47 25.62 -0.41 -2.57
CA THR A 47 26.02 0.94 -3.01
C THR A 47 25.75 1.06 -4.51
N VAL A 48 25.86 2.28 -5.02
CA VAL A 48 25.60 2.50 -6.46
C VAL A 48 26.58 1.68 -7.30
N ASP A 49 27.85 1.60 -6.93
CA ASP A 49 28.79 0.87 -7.80
C ASP A 49 28.45 -0.63 -7.77
N GLU A 50 28.02 -1.13 -6.63
CA GLU A 50 27.65 -2.55 -6.54
C GLU A 50 26.42 -2.84 -7.39
N ARG A 51 25.40 -1.99 -7.32
CA ARG A 51 24.20 -2.18 -8.13
C ARG A 51 24.54 -2.21 -9.61
N ILE A 52 25.37 -1.25 -10.06
CA ILE A 52 25.73 -1.16 -11.47
C ILE A 52 26.55 -2.38 -11.89
N GLU A 53 27.48 -2.82 -11.04
CA GLU A 53 28.29 -3.98 -11.37
C GLU A 53 27.43 -5.24 -11.53
N MET A 54 26.45 -5.43 -10.64
CA MET A 54 25.58 -6.60 -10.76
C MET A 54 24.76 -6.56 -12.03
N ILE A 55 24.31 -5.37 -12.45
CA ILE A 55 23.54 -5.30 -13.69
C ILE A 55 24.45 -5.55 -14.90
N ARG A 56 25.63 -4.93 -14.92
CA ARG A 56 26.50 -5.11 -16.07
C ARG A 56 26.91 -6.56 -16.25
N GLU A 57 27.20 -7.24 -15.16
CA GLU A 57 27.63 -8.63 -15.26
C GLU A 57 26.54 -9.53 -15.84
N SER A 58 25.27 -9.20 -15.62
CA SER A 58 24.21 -10.06 -16.16
C SER A 58 23.57 -9.52 -17.45
N THR A 59 24.12 -8.45 -18.02
CA THR A 59 23.64 -7.91 -19.31
C THR A 59 24.75 -7.84 -20.35
N ALA A 60 25.84 -8.59 -20.16
CA ALA A 60 26.98 -8.50 -21.07
C ALA A 60 26.63 -8.93 -22.49
N ASP A 61 25.59 -9.76 -22.66
CA ASP A 61 25.14 -10.21 -23.98
C ASP A 61 24.18 -9.23 -24.65
N LEU A 62 23.98 -8.03 -24.11
CA LEU A 62 23.09 -7.03 -24.69
C LEU A 62 23.92 -5.84 -25.15
N PRO A 63 24.38 -5.82 -26.40
CA PRO A 63 25.33 -4.79 -26.82
C PRO A 63 24.77 -3.38 -26.84
N ASN A 64 23.44 -3.21 -26.92
CA ASN A 64 22.84 -1.90 -27.05
C ASN A 64 22.29 -1.38 -25.72
N LEU A 65 22.69 -1.99 -24.61
CA LEU A 65 22.25 -1.59 -23.27
C LEU A 65 23.42 -0.99 -22.50
N ARG A 66 23.19 0.13 -21.84
CA ARG A 66 24.16 0.67 -20.91
C ARG A 66 23.49 1.03 -19.59
N VAL A 67 24.30 1.21 -18.56
CA VAL A 67 23.82 1.38 -17.19
C VAL A 67 24.36 2.69 -16.63
N GLU A 68 23.48 3.52 -16.08
CA GLU A 68 23.87 4.81 -15.50
C GLU A 68 23.02 5.07 -14.27
N SER A 69 23.60 5.72 -13.27
CA SER A 69 22.84 6.12 -12.09
C SER A 69 22.34 7.56 -12.20
N GLY A 70 21.34 7.86 -11.38
CA GLY A 70 20.84 9.22 -11.28
C GLY A 70 19.96 9.38 -10.05
N GLN A 71 19.43 10.57 -9.88
CA GLN A 71 18.55 10.86 -8.76
C GLN A 71 17.55 11.93 -9.19
N GLY A 72 16.52 12.12 -8.36
CA GLY A 72 15.55 13.17 -8.65
C GLY A 72 14.50 12.77 -9.67
N LEU A 73 14.15 13.70 -10.55
CA LEU A 73 13.06 13.48 -11.51
C LEU A 73 13.51 12.58 -12.66
N LEU A 74 12.82 11.45 -12.82
CA LEU A 74 13.13 10.53 -13.91
C LEU A 74 13.01 11.23 -15.27
N VAL A 75 11.98 12.06 -15.47
CA VAL A 75 11.84 12.65 -16.81
C VAL A 75 13.02 13.54 -17.18
N ASP A 76 13.72 14.13 -16.19
CA ASP A 76 14.93 14.88 -16.54
C ASP A 76 16.06 13.95 -17.00
N PHE A 77 16.25 12.82 -16.31
CA PHE A 77 17.22 11.84 -16.76
C PHE A 77 16.94 11.41 -18.20
N VAL A 78 15.67 11.16 -18.51
CA VAL A 78 15.30 10.69 -19.85
C VAL A 78 15.58 11.77 -20.89
N ARG A 79 15.08 12.97 -20.65
CA ARG A 79 15.19 14.06 -21.66
C ARG A 79 16.63 14.53 -21.85
N GLU A 80 17.42 14.55 -20.78
CA GLU A 80 18.82 14.97 -20.93
C GLU A 80 19.60 14.04 -21.84
N ARG A 81 19.10 12.84 -22.11
CA ARG A 81 19.73 11.90 -23.02
C ARG A 81 19.07 11.91 -24.39
N GLY A 82 18.17 12.84 -24.64
CA GLY A 82 17.55 12.92 -25.96
C GLY A 82 16.49 11.89 -26.21
N LEU A 83 15.97 11.30 -25.15
CA LEU A 83 14.95 10.24 -25.30
C LEU A 83 13.63 10.71 -24.71
N ASN A 84 12.56 9.97 -24.95
CA ASN A 84 11.27 10.33 -24.33
C ASN A 84 10.41 9.09 -24.11
N ALA A 85 11.04 7.96 -23.82
CA ALA A 85 10.31 6.73 -23.48
C ALA A 85 10.90 6.04 -22.26
N ILE A 86 10.01 5.61 -21.37
CA ILE A 86 10.32 4.77 -20.23
C ILE A 86 9.72 3.39 -20.49
N VAL A 87 10.45 2.34 -20.16
CA VAL A 87 9.92 0.96 -20.19
C VAL A 87 10.00 0.36 -18.80
N LYS A 88 8.88 -0.14 -18.32
CA LYS A 88 8.77 -0.69 -16.96
C LYS A 88 8.03 -2.03 -16.99
N GLY A 89 8.43 -2.95 -16.14
CA GLY A 89 7.74 -4.23 -16.01
C GLY A 89 6.56 -4.12 -15.07
N LEU A 90 5.50 -4.89 -15.32
CA LEU A 90 4.29 -4.87 -14.46
C LEU A 90 3.91 -6.29 -14.15
N ARG A 91 3.52 -6.54 -12.92
CA ARG A 91 3.08 -7.91 -12.55
C ARG A 91 1.55 -7.94 -12.43
N THR A 92 0.93 -6.90 -11.88
CA THR A 92 -0.53 -7.03 -11.61
C THR A 92 -1.32 -5.77 -11.94
N GLY A 93 -2.62 -5.87 -11.76
CA GLY A 93 -3.51 -4.75 -11.99
C GLY A 93 -3.30 -3.61 -11.01
N THR A 94 -2.89 -3.91 -9.77
CA THR A 94 -2.62 -2.89 -8.78
C THR A 94 -1.36 -2.12 -9.19
N ASP A 95 -0.35 -2.86 -9.64
CA ASP A 95 0.89 -2.22 -10.14
C ASP A 95 0.44 -1.23 -11.23
N PHE A 96 -0.48 -1.64 -12.07
CA PHE A 96 -0.88 -0.76 -13.19
C PHE A 96 -1.48 0.56 -12.69
N GLU A 97 -2.25 0.59 -11.60
CA GLU A 97 -2.92 1.84 -11.12
C GLU A 97 -1.94 2.86 -10.52
N TYR A 98 -1.01 2.39 -9.72
CA TYR A 98 -0.04 3.33 -9.11
C TYR A 98 0.92 3.84 -10.19
N GLU A 99 1.42 2.92 -11.00
CA GLU A 99 2.30 3.26 -12.11
C GLU A 99 1.56 4.11 -13.13
N LEU A 100 0.25 3.90 -13.25
CA LEU A 100 -0.58 4.71 -14.13
C LEU A 100 -0.50 6.18 -13.75
N GLN A 101 -0.69 6.46 -12.46
CA GLN A 101 -0.62 7.85 -11.99
C GLN A 101 0.71 8.48 -12.37
N MET A 102 1.82 7.76 -12.13
CA MET A 102 3.12 8.34 -12.41
C MET A 102 3.36 8.49 -13.91
N ALA A 103 2.84 7.57 -14.71
CA ALA A 103 3.02 7.70 -16.17
C ALA A 103 2.25 8.90 -16.71
N GLN A 104 1.06 9.13 -16.20
CA GLN A 104 0.31 10.28 -16.70
C GLN A 104 0.93 11.58 -16.22
N MET A 105 1.46 11.59 -15.01
CA MET A 105 2.14 12.81 -14.53
C MET A 105 3.39 13.05 -15.39
N ASN A 106 4.14 11.99 -15.70
CA ASN A 106 5.39 12.15 -16.48
C ASN A 106 5.10 12.68 -17.89
N LYS A 107 4.00 12.23 -18.47
CA LYS A 107 3.64 12.70 -19.82
C LYS A 107 3.19 14.17 -19.72
N HIS A 108 2.48 14.49 -18.65
CA HIS A 108 1.98 15.88 -18.47
C HIS A 108 3.14 16.85 -18.27
N ILE A 109 4.12 16.51 -17.45
CA ILE A 109 5.12 17.52 -17.13
C ILE A 109 6.26 17.57 -18.14
N ALA A 110 6.47 16.50 -18.92
CA ALA A 110 7.65 16.45 -19.79
C ALA A 110 7.42 15.78 -21.12
N GLY A 111 6.22 15.32 -21.44
CA GLY A 111 5.99 14.67 -22.72
C GLY A 111 6.61 13.30 -22.87
N VAL A 112 7.03 12.69 -21.77
CA VAL A 112 7.70 11.40 -21.81
C VAL A 112 6.66 10.29 -21.71
N ASP A 113 6.72 9.34 -22.64
CA ASP A 113 5.78 8.22 -22.69
C ASP A 113 6.30 7.06 -21.84
N THR A 114 5.38 6.25 -21.33
CA THR A 114 5.74 5.04 -20.59
C THR A 114 5.11 3.82 -21.24
N PHE A 115 5.95 2.81 -21.52
CA PHE A 115 5.50 1.53 -22.03
C PHE A 115 5.67 0.47 -20.95
N PHE A 116 4.61 -0.27 -20.69
CA PHE A 116 4.64 -1.32 -19.67
C PHE A 116 4.71 -2.69 -20.34
N VAL A 117 5.47 -3.59 -19.75
CA VAL A 117 5.53 -4.97 -20.28
C VAL A 117 5.22 -5.95 -19.15
N ALA A 118 4.40 -6.96 -19.45
CA ALA A 118 4.06 -7.97 -18.48
C ALA A 118 5.27 -8.82 -18.17
N THR A 119 5.54 -8.98 -16.88
CA THR A 119 6.59 -9.87 -16.41
C THR A 119 6.44 -11.26 -17.03
N ALA A 120 7.56 -11.95 -17.23
CA ALA A 120 7.50 -13.37 -17.54
C ALA A 120 6.87 -14.11 -16.36
N PRO A 121 6.03 -15.11 -16.62
CA PRO A 121 5.36 -15.82 -15.50
C PRO A 121 6.31 -16.35 -14.42
N ALA A 122 7.45 -16.94 -14.81
CA ALA A 122 8.35 -17.54 -13.85
C ALA A 122 8.89 -16.53 -12.83
N TYR A 123 8.89 -15.25 -13.16
CA TYR A 123 9.37 -14.20 -12.26
C TYR A 123 8.23 -13.34 -11.75
N SER A 124 6.99 -13.76 -11.92
CA SER A 124 5.87 -12.94 -11.51
C SER A 124 5.99 -12.54 -10.05
N PHE A 125 6.61 -13.36 -9.21
CA PHE A 125 6.52 -13.14 -7.78
C PHE A 125 7.82 -12.66 -7.13
N VAL A 126 8.90 -12.47 -7.87
CA VAL A 126 10.10 -11.93 -7.26
C VAL A 126 10.05 -10.41 -7.31
N SER A 127 10.45 -9.81 -6.21
CA SER A 127 10.75 -8.39 -6.13
C SER A 127 12.05 -8.28 -5.35
N SER A 128 12.76 -7.18 -5.57
CA SER A 128 13.98 -6.94 -4.78
C SER A 128 13.69 -7.02 -3.30
N SER A 129 12.59 -6.39 -2.86
CA SER A 129 12.29 -6.32 -1.44
CA SER A 129 12.29 -6.32 -1.44
C SER A 129 11.93 -7.69 -0.87
N LEU A 130 11.12 -8.47 -1.59
CA LEU A 130 10.75 -9.79 -1.05
C LEU A 130 11.93 -10.75 -1.10
N ALA A 131 12.77 -10.65 -2.13
CA ALA A 131 13.97 -11.49 -2.17
C ALA A 131 14.89 -11.18 -1.00
N LYS A 132 15.08 -9.89 -0.69
CA LYS A 132 15.91 -9.53 0.46
C LYS A 132 15.30 -10.05 1.76
N GLU A 133 13.98 -9.90 1.93
CA GLU A 133 13.36 -10.33 3.18
C GLU A 133 13.41 -11.85 3.33
N VAL A 134 13.16 -12.60 2.24
CA VAL A 134 13.24 -14.05 2.34
C VAL A 134 14.67 -14.48 2.63
N ALA A 135 15.64 -13.89 1.94
CA ALA A 135 17.03 -14.26 2.20
C ALA A 135 17.47 -13.89 3.60
N THR A 136 16.92 -12.79 4.15
CA THR A 136 17.31 -12.36 5.49
C THR A 136 17.00 -13.45 6.52
N TYR A 137 15.89 -14.14 6.33
CA TYR A 137 15.47 -15.20 7.24
C TYR A 137 15.81 -16.58 6.72
N GLY A 138 16.72 -16.68 5.76
CA GLY A 138 17.31 -17.95 5.35
C GLY A 138 16.67 -18.67 4.18
N GLY A 139 15.64 -18.12 3.55
CA GLY A 139 15.03 -18.81 2.42
C GLY A 139 15.89 -18.81 1.17
N ASP A 140 15.67 -19.80 0.32
CA ASP A 140 16.49 -20.01 -0.87
C ASP A 140 15.91 -19.23 -2.06
N VAL A 141 16.60 -18.18 -2.48
CA VAL A 141 16.18 -17.34 -3.59
C VAL A 141 17.15 -17.42 -4.76
N SER A 142 17.98 -18.47 -4.82
CA SER A 142 19.03 -18.55 -5.83
C SER A 142 18.47 -18.60 -7.25
N ALA A 143 17.25 -19.09 -7.43
CA ALA A 143 16.70 -19.23 -8.77
C ALA A 143 15.98 -17.97 -9.25
N LEU A 144 15.93 -16.93 -8.43
CA LEU A 144 15.20 -15.70 -8.75
C LEU A 144 16.11 -14.54 -9.05
N LEU A 145 17.40 -14.68 -8.80
CA LEU A 145 18.40 -13.66 -8.95
C LEU A 145 19.48 -14.14 -9.90
N PRO A 146 20.08 -13.24 -10.67
CA PRO A 146 21.22 -13.63 -11.49
C PRO A 146 22.38 -14.08 -10.62
N ALA A 147 23.28 -14.86 -11.23
CA ALA A 147 24.49 -15.29 -10.55
C ALA A 147 25.27 -14.10 -10.01
N SER A 148 25.22 -12.97 -10.69
CA SER A 148 25.96 -11.79 -10.24
C SER A 148 25.46 -11.23 -8.91
N VAL A 149 24.32 -11.71 -8.41
CA VAL A 149 23.65 -11.11 -7.27
C VAL A 149 23.66 -12.05 -6.06
N HIS A 150 23.36 -13.34 -6.25
CA HIS A 150 22.88 -14.15 -5.14
C HIS A 150 23.90 -14.23 -4.00
N GLN A 151 25.14 -14.55 -4.32
CA GLN A 151 26.12 -14.70 -3.26
C GLN A 151 26.57 -13.35 -2.71
N ARG A 152 26.53 -12.29 -3.52
CA ARG A 152 26.82 -10.95 -2.97
C ARG A 152 25.73 -10.58 -1.98
N LEU A 153 24.48 -10.96 -2.28
CA LEU A 153 23.40 -10.71 -1.32
C LEU A 153 23.63 -11.46 -0.01
N LEU A 154 24.00 -12.75 -0.11
CA LEU A 154 24.20 -13.50 1.13
C LEU A 154 25.35 -12.92 1.94
N GLY A 155 26.38 -12.40 1.26
CA GLY A 155 27.48 -11.76 1.97
C GLY A 155 27.08 -10.48 2.68
N LYS A 156 26.26 -9.64 2.03
CA LYS A 156 25.71 -8.48 2.71
C LYS A 156 24.96 -8.88 3.96
N LEU A 157 24.17 -9.96 3.89
CA LEU A 157 23.38 -10.37 5.03
C LEU A 157 24.22 -11.01 6.14
N ARG A 158 25.36 -11.59 5.80
CA ARG A 158 26.23 -12.16 6.83
C ARG A 158 27.30 -11.15 7.26
N MET B 2 -3.32 -37.95 8.28
CA MET B 2 -3.35 -36.76 9.13
C MET B 2 -3.07 -35.50 8.32
N THR B 3 -4.11 -34.72 8.05
CA THR B 3 -3.99 -33.45 7.35
C THR B 3 -3.83 -32.30 8.33
N GLY B 4 -3.37 -31.17 7.84
CA GLY B 4 -3.15 -30.05 8.75
C GLY B 4 -2.79 -28.77 8.03
N ALA B 5 -3.04 -27.65 8.71
CA ALA B 5 -2.73 -26.35 8.15
C ALA B 5 -2.35 -25.36 9.25
N VAL B 6 -1.60 -24.33 8.86
CA VAL B 6 -1.16 -23.26 9.77
C VAL B 6 -1.91 -21.98 9.41
N CYS B 7 -2.44 -21.30 10.41
CA CYS B 7 -3.11 -20.01 10.23
CA CYS B 7 -3.11 -20.01 10.23
C CYS B 7 -2.24 -18.92 10.84
N PRO B 8 -1.49 -18.16 10.06
CA PRO B 8 -0.54 -17.17 10.59
C PRO B 8 -1.11 -15.77 10.74
N GLY B 9 -0.54 -15.02 11.68
CA GLY B 9 -0.89 -13.63 11.81
C GLY B 9 -0.28 -13.01 13.03
N SER B 10 -0.46 -11.70 13.16
CA SER B 10 -0.06 -11.06 14.41
C SER B 10 -1.17 -11.07 15.45
N PHE B 11 -2.43 -11.03 15.03
CA PHE B 11 -3.59 -11.15 15.93
C PHE B 11 -3.46 -10.20 17.13
N ASP B 12 -3.40 -8.91 16.83
CA ASP B 12 -3.15 -7.88 17.83
C ASP B 12 -4.25 -6.81 17.88
N PRO B 13 -5.46 -7.17 18.29
CA PRO B 13 -5.90 -8.48 18.80
C PRO B 13 -6.63 -9.32 17.74
N VAL B 14 -6.89 -10.58 18.09
CA VAL B 14 -7.73 -11.42 17.25
C VAL B 14 -9.11 -10.80 17.09
N THR B 15 -9.66 -10.86 15.88
CA THR B 15 -10.98 -10.33 15.58
C THR B 15 -11.94 -11.48 15.26
N LEU B 16 -13.21 -11.13 15.12
CA LEU B 16 -14.17 -12.16 14.69
C LEU B 16 -13.94 -12.61 13.25
N GLY B 17 -13.30 -11.78 12.42
CA GLY B 17 -12.90 -12.23 11.10
C GLY B 17 -11.85 -13.33 11.17
N HIS B 18 -10.84 -13.15 12.03
CA HIS B 18 -9.86 -14.21 12.24
C HIS B 18 -10.53 -15.48 12.74
N LEU B 19 -11.41 -15.34 13.74
CA LEU B 19 -12.03 -16.51 14.33
C LEU B 19 -12.84 -17.29 13.30
N ASP B 20 -13.54 -16.59 12.42
CA ASP B 20 -14.28 -17.26 11.36
C ASP B 20 -13.34 -18.10 10.50
N VAL B 21 -12.17 -17.58 10.16
CA VAL B 21 -11.19 -18.36 9.41
C VAL B 21 -10.72 -19.57 10.21
N PHE B 22 -10.41 -19.37 11.49
CA PHE B 22 -9.96 -20.49 12.32
C PHE B 22 -10.99 -21.62 12.35
N GLU B 23 -12.27 -21.26 12.48
CA GLU B 23 -13.33 -22.26 12.54
C GLU B 23 -13.44 -23.02 11.24
N ARG B 24 -13.32 -22.32 10.12
CA ARG B 24 -13.45 -23.01 8.84
CA ARG B 24 -13.45 -23.00 8.83
C ARG B 24 -12.25 -23.90 8.58
N ALA B 25 -11.05 -23.46 8.97
CA ALA B 25 -9.91 -24.34 8.84
C ALA B 25 -10.05 -25.57 9.73
N ALA B 26 -10.48 -25.37 10.98
CA ALA B 26 -10.57 -26.52 11.89
C ALA B 26 -11.64 -27.50 11.42
N ALA B 27 -12.64 -27.03 10.69
CA ALA B 27 -13.65 -27.92 10.16
C ALA B 27 -13.16 -28.77 9.00
N GLN B 28 -12.08 -28.37 8.34
CA GLN B 28 -11.66 -29.04 7.10
C GLN B 28 -10.32 -29.74 7.18
N PHE B 29 -9.55 -29.54 8.26
CA PHE B 29 -8.22 -30.13 8.43
C PHE B 29 -8.17 -30.88 9.76
N ASP B 30 -7.42 -31.99 9.81
CA ASP B 30 -7.38 -32.75 11.05
C ASP B 30 -6.74 -31.96 12.19
N GLU B 31 -5.76 -31.11 11.87
CA GLU B 31 -5.00 -30.32 12.82
C GLU B 31 -4.86 -28.91 12.26
N VAL B 32 -5.07 -27.90 13.10
CA VAL B 32 -4.80 -26.51 12.75
C VAL B 32 -3.89 -25.90 13.82
N ILE B 33 -2.85 -25.21 13.39
CA ILE B 33 -1.99 -24.46 14.28
C ILE B 33 -2.15 -22.99 13.96
N VAL B 34 -2.57 -22.20 14.95
CA VAL B 34 -2.54 -20.76 14.80
C VAL B 34 -1.15 -20.29 15.18
N ALA B 35 -0.48 -19.61 14.25
CA ALA B 35 0.91 -19.18 14.44
C ALA B 35 0.92 -17.68 14.71
N VAL B 36 1.23 -17.30 15.95
CA VAL B 36 1.26 -15.91 16.38
C VAL B 36 2.67 -15.35 16.18
N LEU B 37 2.80 -14.36 15.30
CA LEU B 37 4.10 -13.80 14.98
C LEU B 37 4.63 -12.93 16.10
N ILE B 38 5.86 -13.21 16.54
CA ILE B 38 6.61 -12.32 17.42
C ILE B 38 7.52 -11.48 16.54
N ASN B 39 7.37 -10.16 16.62
CA ASN B 39 8.20 -9.24 15.84
C ASN B 39 9.06 -8.43 16.81
N PRO B 40 10.36 -8.69 16.89
CA PRO B 40 11.20 -7.96 17.86
C PRO B 40 11.32 -6.47 17.58
N ASN B 41 10.79 -5.99 16.46
CA ASN B 41 10.83 -4.56 16.15
C ASN B 41 9.54 -3.87 16.62
N LYS B 42 8.49 -3.95 15.79
CA LYS B 42 7.22 -3.32 16.11
C LYS B 42 6.50 -4.14 17.18
N ALA B 43 6.52 -3.64 18.41
CA ALA B 43 5.77 -4.24 19.50
C ALA B 43 4.38 -3.60 19.55
N GLY B 44 3.36 -4.40 19.25
CA GLY B 44 2.01 -3.89 19.17
C GLY B 44 1.38 -3.57 20.51
N MET B 45 0.05 -3.65 20.58
CA MET B 45 -0.67 -3.29 21.79
C MET B 45 -0.65 -4.40 22.82
N PHE B 46 -0.69 -5.66 22.40
CA PHE B 46 -0.75 -6.79 23.32
C PHE B 46 0.53 -7.61 23.21
N THR B 47 1.00 -8.10 24.36
CA THR B 47 2.14 -8.99 24.35
C THR B 47 1.76 -10.31 23.66
N VAL B 48 2.78 -11.07 23.25
CA VAL B 48 2.51 -12.35 22.59
C VAL B 48 1.68 -13.25 23.51
N ASP B 49 1.98 -13.26 24.81
CA ASP B 49 1.22 -14.12 25.73
C ASP B 49 -0.23 -13.68 25.82
N GLU B 50 -0.47 -12.37 25.87
CA GLU B 50 -1.85 -11.88 25.89
C GLU B 50 -2.57 -12.28 24.60
N ARG B 51 -1.88 -12.18 23.46
CA ARG B 51 -2.51 -12.54 22.18
CA ARG B 51 -2.52 -12.53 22.18
C ARG B 51 -2.86 -14.02 22.12
N ILE B 52 -1.95 -14.88 22.59
CA ILE B 52 -2.21 -16.32 22.63
C ILE B 52 -3.40 -16.62 23.54
N GLU B 53 -3.46 -15.98 24.71
CA GLU B 53 -4.55 -16.26 25.61
C GLU B 53 -5.89 -15.79 25.05
N MET B 54 -5.90 -14.66 24.33
CA MET B 54 -7.15 -14.21 23.73
C MET B 54 -7.60 -15.19 22.66
N ILE B 55 -6.67 -15.75 21.90
CA ILE B 55 -7.05 -16.72 20.87
C ILE B 55 -7.55 -18.01 21.52
N ARG B 56 -6.85 -18.48 22.55
CA ARG B 56 -7.28 -19.70 23.22
C ARG B 56 -8.68 -19.55 23.82
N GLU B 57 -8.99 -18.39 24.42
CA GLU B 57 -10.34 -18.23 24.93
C GLU B 57 -11.36 -18.28 23.80
N SER B 58 -11.04 -17.67 22.67
CA SER B 58 -12.00 -17.59 21.58
C SER B 58 -12.16 -18.91 20.82
N THR B 59 -11.20 -19.83 20.95
CA THR B 59 -11.20 -21.09 20.20
C THR B 59 -11.38 -22.28 21.12
N ALA B 60 -11.90 -22.06 22.30
CA ALA B 60 -12.06 -23.14 23.31
C ALA B 60 -12.87 -24.31 22.78
N ASP B 61 -13.74 -24.08 21.82
CA ASP B 61 -14.58 -25.17 21.27
C ASP B 61 -13.96 -25.79 20.02
N LEU B 62 -12.70 -25.52 19.72
CA LEU B 62 -12.03 -26.11 18.54
C LEU B 62 -10.95 -27.05 19.05
N PRO B 63 -11.25 -28.33 19.31
CA PRO B 63 -10.26 -29.20 19.94
C PRO B 63 -9.03 -29.54 19.10
N ASN B 64 -9.16 -29.45 17.79
CA ASN B 64 -8.08 -29.81 16.86
C ASN B 64 -7.27 -28.58 16.48
N LEU B 65 -7.51 -27.46 17.14
CA LEU B 65 -6.75 -26.22 16.86
C LEU B 65 -5.90 -25.87 18.09
N ARG B 66 -4.63 -25.62 17.86
CA ARG B 66 -3.77 -25.16 18.94
C ARG B 66 -3.06 -23.89 18.53
N VAL B 67 -2.59 -23.16 19.54
CA VAL B 67 -2.03 -21.82 19.35
C VAL B 67 -0.57 -21.85 19.77
N GLU B 68 0.33 -21.38 18.89
CA GLU B 68 1.75 -21.31 19.18
C GLU B 68 2.30 -19.99 18.65
N SER B 69 3.46 -19.60 19.16
CA SER B 69 4.12 -18.40 18.68
C SER B 69 5.37 -18.78 17.90
N GLY B 70 5.85 -17.83 17.10
CA GLY B 70 7.00 -18.13 16.26
C GLY B 70 7.57 -16.86 15.70
N GLN B 71 8.70 -17.03 15.01
CA GLN B 71 9.49 -15.90 14.55
C GLN B 71 10.11 -16.28 13.20
N GLY B 72 10.39 -15.26 12.39
CA GLY B 72 11.14 -15.49 11.18
C GLY B 72 10.33 -16.00 10.02
N LEU B 73 10.90 -16.92 9.25
CA LEU B 73 10.29 -17.39 8.00
C LEU B 73 9.11 -18.31 8.30
N LEU B 74 7.93 -17.96 7.76
CA LEU B 74 6.74 -18.75 8.07
C LEU B 74 6.87 -20.19 7.58
N VAL B 75 7.43 -20.40 6.39
CA VAL B 75 7.50 -21.77 5.88
C VAL B 75 8.40 -22.66 6.73
N ASP B 76 9.35 -22.08 7.46
CA ASP B 76 10.12 -22.91 8.39
C ASP B 76 9.26 -23.36 9.56
N PHE B 77 8.45 -22.44 10.10
CA PHE B 77 7.50 -22.82 11.15
C PHE B 77 6.57 -23.94 10.68
N VAL B 78 6.08 -23.84 9.44
CA VAL B 78 5.15 -24.84 8.93
C VAL B 78 5.84 -26.19 8.80
N ARG B 79 6.99 -26.23 8.14
CA ARG B 79 7.64 -27.54 7.90
C ARG B 79 8.18 -28.16 9.18
N GLU B 80 8.56 -27.34 10.15
CA GLU B 80 9.10 -27.89 11.42
C GLU B 80 8.02 -28.67 12.14
N ARG B 81 6.76 -28.38 11.86
CA ARG B 81 5.64 -29.08 12.49
C ARG B 81 5.07 -30.18 11.61
N GLY B 82 5.79 -30.59 10.57
CA GLY B 82 5.36 -31.67 9.71
C GLY B 82 4.24 -31.31 8.77
N LEU B 83 4.00 -30.02 8.58
CA LEU B 83 2.87 -29.62 7.70
C LEU B 83 3.38 -28.94 6.43
N ASN B 84 2.51 -28.70 5.47
CA ASN B 84 2.93 -27.98 4.24
C ASN B 84 1.75 -27.20 3.66
N ALA B 85 0.91 -26.68 4.55
CA ALA B 85 -0.22 -25.87 4.11
C ALA B 85 -0.43 -24.70 5.06
N ILE B 86 -0.75 -23.57 4.47
CA ILE B 86 -1.09 -22.32 5.18
C ILE B 86 -2.55 -21.98 4.80
N VAL B 87 -3.35 -21.55 5.77
CA VAL B 87 -4.73 -21.09 5.46
C VAL B 87 -4.83 -19.63 5.89
N LYS B 88 -5.23 -18.77 4.96
CA LYS B 88 -5.36 -17.33 5.28
C LYS B 88 -6.70 -16.79 4.81
N GLY B 89 -7.23 -15.84 5.54
CA GLY B 89 -8.47 -15.20 5.13
C GLY B 89 -8.19 -14.03 4.20
N LEU B 90 -9.12 -13.80 3.28
CA LEU B 90 -8.96 -12.71 2.32
C LEU B 90 -10.21 -11.85 2.28
N ARG B 91 -10.04 -10.57 1.97
N ARG B 91 -10.02 -10.59 1.91
CA ARG B 91 -11.19 -9.63 1.91
CA ARG B 91 -11.12 -9.62 1.85
C ARG B 91 -11.39 -9.03 0.50
C ARG B 91 -11.38 -9.17 0.42
N THR B 92 -10.33 -8.60 -0.18
CA THR B 92 -10.49 -7.92 -1.46
C THR B 92 -9.60 -8.54 -2.52
N GLY B 93 -9.78 -8.07 -3.76
CA GLY B 93 -8.88 -8.44 -4.84
C GLY B 93 -7.47 -7.95 -4.62
N THR B 94 -7.33 -6.78 -3.99
CA THR B 94 -6.00 -6.22 -3.64
C THR B 94 -5.39 -7.18 -2.62
N ASP B 95 -6.18 -7.59 -1.63
CA ASP B 95 -5.70 -8.59 -0.66
C ASP B 95 -5.10 -9.77 -1.38
N PHE B 96 -5.78 -10.24 -2.43
CA PHE B 96 -5.29 -11.40 -3.16
C PHE B 96 -3.95 -11.13 -3.85
N GLU B 97 -3.56 -9.86 -4.05
CA GLU B 97 -2.36 -9.46 -4.86
C GLU B 97 -1.03 -9.60 -4.12
N TYR B 98 -0.88 -8.93 -2.98
CA TYR B 98 0.35 -9.09 -2.19
C TYR B 98 0.32 -10.52 -1.64
N GLU B 99 -0.87 -11.02 -1.29
CA GLU B 99 -0.88 -12.38 -0.75
C GLU B 99 -0.55 -13.41 -1.82
N LEU B 100 -0.89 -13.15 -3.10
CA LEU B 100 -0.56 -14.12 -4.14
C LEU B 100 0.94 -14.16 -4.36
N GLN B 101 1.60 -13.01 -4.36
CA GLN B 101 3.05 -12.97 -4.48
C GLN B 101 3.70 -13.81 -3.37
N MET B 102 3.25 -13.60 -2.13
CA MET B 102 3.79 -14.36 -1.00
C MET B 102 3.52 -15.86 -1.11
N ALA B 103 2.33 -16.22 -1.57
CA ALA B 103 2.01 -17.66 -1.68
C ALA B 103 2.90 -18.33 -2.73
N GLN B 104 3.11 -17.66 -3.83
CA GLN B 104 3.97 -18.26 -4.87
C GLN B 104 5.40 -18.33 -4.37
N MET B 105 5.84 -17.31 -3.66
CA MET B 105 7.21 -17.36 -3.10
C MET B 105 7.31 -18.52 -2.11
N ASN B 106 6.32 -18.66 -1.24
CA ASN B 106 6.39 -19.73 -0.24
C ASN B 106 6.32 -21.11 -0.88
N LYS B 107 5.57 -21.25 -1.97
CA LYS B 107 5.55 -22.53 -2.67
C LYS B 107 6.91 -22.79 -3.33
N HIS B 108 7.53 -21.75 -3.86
CA HIS B 108 8.79 -21.89 -4.58
C HIS B 108 9.93 -22.28 -3.64
N ILE B 109 10.03 -21.59 -2.49
CA ILE B 109 11.18 -21.79 -1.61
C ILE B 109 11.05 -23.01 -0.70
N ALA B 110 9.82 -23.53 -0.47
CA ALA B 110 9.69 -24.60 0.51
C ALA B 110 8.61 -25.61 0.17
N GLY B 111 7.93 -25.47 -0.95
CA GLY B 111 6.90 -26.45 -1.31
C GLY B 111 5.66 -26.36 -0.44
N VAL B 112 5.49 -25.24 0.23
CA VAL B 112 4.31 -25.04 1.14
C VAL B 112 3.19 -24.40 0.34
N ASP B 113 2.00 -24.95 0.47
CA ASP B 113 0.83 -24.44 -0.26
C ASP B 113 0.01 -23.48 0.59
N THR B 114 -0.72 -22.59 -0.05
CA THR B 114 -1.56 -21.61 0.68
C THR B 114 -3.01 -21.70 0.17
N PHE B 115 -3.94 -21.86 1.08
CA PHE B 115 -5.36 -21.86 0.74
C PHE B 115 -5.99 -20.60 1.31
N PHE B 116 -6.69 -19.87 0.47
CA PHE B 116 -7.34 -18.64 0.89
C PHE B 116 -8.84 -18.85 1.05
N VAL B 117 -9.43 -18.23 2.06
CA VAL B 117 -10.86 -18.31 2.28
C VAL B 117 -11.43 -16.91 2.40
N ALA B 118 -12.57 -16.69 1.74
CA ALA B 118 -13.28 -15.43 1.82
C ALA B 118 -13.86 -15.22 3.21
N THR B 119 -13.53 -14.08 3.80
CA THR B 119 -14.15 -13.60 5.02
C THR B 119 -15.68 -13.71 4.97
N ALA B 120 -16.31 -14.01 6.10
CA ALA B 120 -17.76 -13.89 6.16
C ALA B 120 -18.13 -12.44 5.88
N PRO B 121 -19.22 -12.19 5.17
CA PRO B 121 -19.58 -10.80 4.83
C PRO B 121 -19.63 -9.86 6.03
N ALA B 122 -20.15 -10.32 7.16
CA ALA B 122 -20.33 -9.46 8.33
C ALA B 122 -19.01 -8.96 8.90
N TYR B 123 -17.92 -9.71 8.68
CA TYR B 123 -16.63 -9.35 9.24
C TYR B 123 -15.66 -8.86 8.18
N SER B 124 -16.16 -8.48 7.01
CA SER B 124 -15.28 -8.15 5.90
C SER B 124 -14.60 -6.80 6.09
N PHE B 125 -15.13 -5.93 6.93
CA PHE B 125 -14.51 -4.62 7.11
C PHE B 125 -13.73 -4.51 8.41
N VAL B 126 -13.66 -5.59 9.16
CA VAL B 126 -12.90 -5.51 10.44
C VAL B 126 -11.45 -5.94 10.22
N SER B 127 -10.54 -5.22 10.85
CA SER B 127 -9.14 -5.59 10.91
C SER B 127 -8.67 -5.24 12.30
N SER B 128 -7.58 -5.86 12.74
CA SER B 128 -7.01 -5.52 14.04
C SER B 128 -6.68 -4.03 14.11
N SER B 129 -6.05 -3.51 13.07
CA SER B 129 -5.58 -2.12 13.10
CA SER B 129 -5.59 -2.12 13.13
C SER B 129 -6.76 -1.15 13.12
N LEU B 130 -7.76 -1.37 12.27
CA LEU B 130 -8.88 -0.44 12.26
C LEU B 130 -9.71 -0.53 13.55
N ALA B 131 -9.85 -1.74 14.10
CA ALA B 131 -10.58 -1.87 15.35
C ALA B 131 -9.90 -1.11 16.48
N LYS B 132 -8.57 -1.20 16.57
CA LYS B 132 -7.86 -0.48 17.62
C LYS B 132 -8.01 1.02 17.44
N GLU B 133 -7.88 1.50 16.20
CA GLU B 133 -7.97 2.93 15.94
C GLU B 133 -9.34 3.46 16.29
N VAL B 134 -10.40 2.75 15.90
CA VAL B 134 -11.75 3.16 16.25
C VAL B 134 -11.94 3.16 17.76
N ALA B 135 -11.47 2.10 18.42
CA ALA B 135 -11.66 2.01 19.87
C ALA B 135 -10.87 3.10 20.61
N THR B 136 -9.71 3.47 20.07
CA THR B 136 -8.90 4.50 20.72
C THR B 136 -9.67 5.81 20.87
N TYR B 137 -10.52 6.13 19.89
CA TYR B 137 -11.27 7.37 19.88
C TYR B 137 -12.70 7.19 20.36
N GLY B 138 -13.02 6.06 20.98
CA GLY B 138 -14.29 5.87 21.62
C GLY B 138 -15.37 5.21 20.79
N GLY B 139 -15.07 4.78 19.58
CA GLY B 139 -16.05 4.06 18.79
C GLY B 139 -16.30 2.66 19.35
N ASP B 140 -17.47 2.12 19.04
CA ASP B 140 -17.91 0.84 19.63
C ASP B 140 -17.64 -0.27 18.62
N VAL B 141 -16.62 -1.09 18.91
CA VAL B 141 -16.25 -2.20 18.04
C VAL B 141 -16.60 -3.54 18.68
N SER B 142 -17.52 -3.55 19.65
CA SER B 142 -17.79 -4.77 20.41
C SER B 142 -18.45 -5.86 19.58
N ALA B 143 -19.12 -5.52 18.48
CA ALA B 143 -19.74 -6.52 17.62
C ALA B 143 -18.75 -7.18 16.66
N LEU B 144 -17.50 -6.74 16.67
CA LEU B 144 -16.50 -7.17 15.70
C LEU B 144 -15.38 -7.98 16.35
N LEU B 145 -15.37 -8.08 17.67
CA LEU B 145 -14.35 -8.75 18.43
C LEU B 145 -14.97 -9.79 19.35
N PRO B 146 -14.27 -10.87 19.66
CA PRO B 146 -14.77 -11.79 20.68
C PRO B 146 -14.94 -11.04 22.00
N ALA B 147 -15.85 -11.55 22.84
CA ALA B 147 -16.24 -10.83 24.05
C ALA B 147 -15.05 -10.57 24.96
N SER B 148 -14.15 -11.55 25.10
CA SER B 148 -13.04 -11.39 26.02
C SER B 148 -12.00 -10.41 25.48
N VAL B 149 -11.84 -10.33 24.15
CA VAL B 149 -10.95 -9.35 23.56
C VAL B 149 -11.44 -7.95 23.86
N HIS B 150 -12.75 -7.72 23.74
CA HIS B 150 -13.28 -6.38 23.94
C HIS B 150 -13.02 -5.89 25.36
N GLN B 151 -13.13 -6.79 26.35
CA GLN B 151 -12.85 -6.41 27.73
C GLN B 151 -11.38 -6.04 27.92
N ARG B 152 -10.47 -6.87 27.39
CA ARG B 152 -9.05 -6.56 27.53
C ARG B 152 -8.65 -5.30 26.78
N LEU B 153 -9.31 -5.01 25.65
CA LEU B 153 -8.94 -3.85 24.86
C LEU B 153 -9.33 -2.55 25.57
N LEU B 154 -10.49 -2.55 26.23
CA LEU B 154 -10.86 -1.38 27.03
C LEU B 154 -9.86 -1.12 28.14
N GLY B 155 -9.29 -2.19 28.70
CA GLY B 155 -8.30 -2.01 29.77
C GLY B 155 -7.03 -1.34 29.28
N LYS B 156 -6.53 -1.79 28.12
CA LYS B 156 -5.28 -1.24 27.57
C LYS B 156 -5.46 0.24 27.21
N LEU B 157 -6.69 0.66 26.92
CA LEU B 157 -6.87 2.07 26.52
C LEU B 157 -6.95 3.01 27.74
N ARG B 158 -7.15 2.50 28.96
CA ARG B 158 -7.28 3.34 30.15
C ARG B 158 -5.92 3.88 30.60
N MET C 2 -33.08 19.93 4.35
CA MET C 2 -31.81 20.29 5.00
C MET C 2 -30.77 19.18 4.81
N THR C 3 -30.34 19.00 3.57
CA THR C 3 -29.37 17.96 3.27
C THR C 3 -27.95 18.48 3.50
N GLY C 4 -27.01 17.55 3.60
CA GLY C 4 -25.65 17.98 3.84
C GLY C 4 -24.63 16.86 3.84
N ALA C 5 -23.38 17.20 3.50
CA ALA C 5 -22.31 16.19 3.48
C ALA C 5 -21.00 16.83 3.89
N VAL C 6 -20.10 15.98 4.36
CA VAL C 6 -18.74 16.38 4.78
C VAL C 6 -17.75 15.80 3.79
N CYS C 7 -16.80 16.62 3.36
CA CYS C 7 -15.71 16.20 2.45
C CYS C 7 -14.41 16.22 3.25
N PRO C 8 -13.88 15.08 3.70
CA PRO C 8 -12.71 15.07 4.52
C PRO C 8 -11.38 14.88 3.78
N GLY C 9 -10.30 15.32 4.41
CA GLY C 9 -8.98 15.08 3.87
C GLY C 9 -7.93 15.83 4.66
N SER C 10 -6.68 15.63 4.26
CA SER C 10 -5.59 16.46 4.78
C SER C 10 -5.38 17.72 3.97
N PHE C 11 -5.58 17.65 2.65
CA PHE C 11 -5.51 18.81 1.75
C PHE C 11 -4.21 19.60 1.95
N ASP C 12 -3.09 18.90 1.73
CA ASP C 12 -1.77 19.46 1.97
C ASP C 12 -0.87 19.46 0.72
N PRO C 13 -1.18 20.32 -0.27
CA PRO C 13 -2.27 21.27 -0.30
C PRO C 13 -3.49 20.72 -1.04
N VAL C 14 -4.58 21.49 -0.98
CA VAL C 14 -5.72 21.19 -1.82
C VAL C 14 -5.32 21.26 -3.29
N THR C 15 -5.81 20.31 -4.08
CA THR C 15 -5.58 20.25 -5.51
C THR C 15 -6.86 20.55 -6.29
N LEU C 16 -6.72 20.68 -7.62
CA LEU C 16 -7.90 20.85 -8.46
C LEU C 16 -8.78 19.60 -8.45
N GLY C 17 -8.20 18.43 -8.15
CA GLY C 17 -9.02 17.24 -8.00
C GLY C 17 -9.93 17.33 -6.80
N HIS C 18 -9.40 17.83 -5.68
CA HIS C 18 -10.22 18.05 -4.49
C HIS C 18 -11.30 19.09 -4.78
N LEU C 19 -10.89 20.22 -5.37
CA LEU C 19 -11.84 21.30 -5.66
C LEU C 19 -13.00 20.80 -6.53
N ASP C 20 -12.69 19.95 -7.52
CA ASP C 20 -13.72 19.36 -8.36
C ASP C 20 -14.73 18.60 -7.52
N VAL C 21 -14.26 17.79 -6.57
CA VAL C 21 -15.16 17.06 -5.68
C VAL C 21 -15.99 18.02 -4.83
N PHE C 22 -15.35 19.07 -4.28
CA PHE C 22 -16.09 20.05 -3.48
C PHE C 22 -17.24 20.65 -4.27
N GLU C 23 -16.97 21.05 -5.52
CA GLU C 23 -17.97 21.70 -6.36
C GLU C 23 -19.12 20.76 -6.67
N ARG C 24 -18.81 19.48 -6.88
CA ARG C 24 -19.86 18.51 -7.14
CA ARG C 24 -19.86 18.51 -7.16
C ARG C 24 -20.69 18.22 -5.91
N ALA C 25 -20.05 18.16 -4.74
CA ALA C 25 -20.79 17.99 -3.49
C ALA C 25 -21.67 19.21 -3.23
N ALA C 26 -21.12 20.41 -3.43
CA ALA C 26 -21.88 21.63 -3.18
C ALA C 26 -23.08 21.77 -4.13
N ALA C 27 -23.01 21.18 -5.32
CA ALA C 27 -24.10 21.24 -6.28
C ALA C 27 -25.25 20.29 -5.95
N GLN C 28 -25.02 19.30 -5.09
CA GLN C 28 -25.98 18.23 -4.86
C GLN C 28 -26.47 18.14 -3.43
N PHE C 29 -25.90 18.90 -2.50
CA PHE C 29 -26.30 18.92 -1.10
C PHE C 29 -26.46 20.37 -0.66
N ASP C 30 -27.40 20.62 0.25
CA ASP C 30 -27.66 22.01 0.64
C ASP C 30 -26.49 22.62 1.37
N GLU C 31 -25.74 21.82 2.13
CA GLU C 31 -24.67 22.27 3.01
C GLU C 31 -23.50 21.32 2.84
N VAL C 32 -22.31 21.87 2.61
CA VAL C 32 -21.09 21.06 2.54
C VAL C 32 -20.08 21.62 3.52
N ILE C 33 -19.45 20.73 4.29
CA ILE C 33 -18.37 21.09 5.19
C ILE C 33 -17.13 20.35 4.75
N VAL C 34 -16.08 21.09 4.43
CA VAL C 34 -14.77 20.49 4.19
C VAL C 34 -14.10 20.31 5.54
N ALA C 35 -13.71 19.07 5.84
CA ALA C 35 -13.14 18.71 7.13
C ALA C 35 -11.63 18.50 6.97
N VAL C 36 -10.85 19.43 7.51
CA VAL C 36 -9.40 19.43 7.36
C VAL C 36 -8.79 18.73 8.56
N LEU C 37 -8.16 17.59 8.32
CA LEU C 37 -7.65 16.77 9.40
C LEU C 37 -6.42 17.42 10.03
N ILE C 38 -6.42 17.50 11.36
CA ILE C 38 -5.23 17.81 12.15
C ILE C 38 -4.63 16.48 12.58
N ASN C 39 -3.40 16.22 12.19
CA ASN C 39 -2.88 14.87 12.40
C ASN C 39 -1.47 14.85 12.97
N PRO C 40 -1.09 15.85 13.79
CA PRO C 40 0.20 16.11 14.43
C PRO C 40 0.94 14.85 14.89
N ALA C 43 3.37 14.77 9.78
CA ALA C 43 4.41 15.60 9.16
C ALA C 43 3.96 16.09 7.79
N GLY C 44 3.64 17.38 7.70
CA GLY C 44 3.11 17.95 6.48
C GLY C 44 3.81 19.25 6.10
N MET C 45 3.45 19.74 4.91
CA MET C 45 4.10 20.94 4.38
C MET C 45 3.45 22.23 4.87
N PHE C 46 2.12 22.28 4.89
CA PHE C 46 1.39 23.47 5.30
C PHE C 46 0.77 23.27 6.68
N THR C 47 0.63 24.36 7.43
CA THR C 47 -0.07 24.28 8.71
C THR C 47 -1.58 24.19 8.46
N VAL C 48 -2.31 23.79 9.51
CA VAL C 48 -3.76 23.65 9.40
C VAL C 48 -4.38 24.96 8.94
N ASP C 49 -3.93 26.08 9.53
CA ASP C 49 -4.49 27.37 9.17
C ASP C 49 -4.22 27.69 7.70
N GLU C 50 -3.03 27.36 7.22
CA GLU C 50 -2.70 27.64 5.80
C GLU C 50 -3.58 26.77 4.87
N ARG C 51 -3.83 25.53 5.27
CA ARG C 51 -4.64 24.62 4.44
C ARG C 51 -6.07 25.12 4.37
N ILE C 52 -6.58 25.58 5.50
CA ILE C 52 -7.96 26.10 5.54
C ILE C 52 -8.04 27.33 4.65
N GLU C 53 -7.07 28.23 4.76
CA GLU C 53 -7.13 29.46 3.98
C GLU C 53 -7.06 29.18 2.49
N MET C 54 -6.22 28.23 2.08
CA MET C 54 -6.14 27.89 0.66
C MET C 54 -7.44 27.31 0.15
N ILE C 55 -8.11 26.50 0.97
CA ILE C 55 -9.40 25.97 0.56
C ILE C 55 -10.45 27.07 0.50
N ARG C 56 -10.48 27.94 1.51
CA ARG C 56 -11.43 29.05 1.49
C ARG C 56 -11.20 29.94 0.28
N GLU C 57 -9.93 30.24 -0.05
CA GLU C 57 -9.63 31.06 -1.21
C GLU C 57 -10.16 30.42 -2.50
N SER C 58 -10.04 29.10 -2.62
CA SER C 58 -10.40 28.41 -3.83
C SER C 58 -11.90 28.08 -3.93
N THR C 59 -12.66 28.26 -2.86
CA THR C 59 -14.08 27.91 -2.84
C THR C 59 -14.98 29.13 -2.64
N ALA C 60 -14.49 30.33 -2.94
CA ALA C 60 -15.27 31.52 -2.68
C ALA C 60 -16.54 31.58 -3.50
N ASP C 61 -16.59 30.89 -4.65
CA ASP C 61 -17.76 30.87 -5.49
C ASP C 61 -18.79 29.82 -5.07
N LEU C 62 -18.56 29.13 -3.94
CA LEU C 62 -19.48 28.10 -3.44
C LEU C 62 -20.15 28.59 -2.16
N PRO C 63 -21.32 29.23 -2.25
CA PRO C 63 -21.89 29.89 -1.06
C PRO C 63 -22.28 28.93 0.06
N ASN C 64 -22.56 27.67 -0.27
CA ASN C 64 -23.05 26.71 0.71
C ASN C 64 -21.96 25.78 1.25
N LEU C 65 -20.70 26.17 1.14
CA LEU C 65 -19.58 25.36 1.62
C LEU C 65 -18.81 26.13 2.68
N ARG C 66 -18.47 25.45 3.79
CA ARG C 66 -17.57 26.02 4.77
C ARG C 66 -16.46 25.03 5.08
N VAL C 67 -15.42 25.55 5.73
CA VAL C 67 -14.17 24.81 5.96
C VAL C 67 -13.86 24.82 7.45
N GLU C 68 -13.64 23.64 8.01
CA GLU C 68 -13.37 23.51 9.43
C GLU C 68 -12.31 22.44 9.65
N SER C 69 -11.56 22.56 10.73
CA SER C 69 -10.55 21.58 11.10
C SER C 69 -11.09 20.63 12.17
N GLY C 70 -10.47 19.46 12.25
CA GLY C 70 -10.88 18.52 13.28
C GLY C 70 -9.85 17.43 13.49
N GLN C 71 -10.13 16.60 14.49
CA GLN C 71 -9.27 15.51 14.92
C GLN C 71 -10.15 14.32 15.32
N GLY C 72 -9.53 13.15 15.45
CA GLY C 72 -10.26 12.00 15.93
C GLY C 72 -11.10 11.34 14.85
N LEU C 73 -12.18 10.70 15.29
CA LEU C 73 -13.04 9.95 14.38
C LEU C 73 -13.79 10.89 13.46
N LEU C 74 -13.66 10.68 12.16
CA LEU C 74 -14.44 11.47 11.22
C LEU C 74 -15.94 11.40 11.52
N VAL C 75 -16.44 10.22 11.95
CA VAL C 75 -17.88 10.12 12.15
C VAL C 75 -18.35 11.03 13.28
N ASP C 76 -17.50 11.26 14.29
CA ASP C 76 -17.87 12.22 15.34
C ASP C 76 -17.93 13.64 14.80
N PHE C 77 -16.95 14.02 13.97
CA PHE C 77 -17.01 15.32 13.31
C PHE C 77 -18.32 15.49 12.55
N VAL C 78 -18.72 14.46 11.82
CA VAL C 78 -19.90 14.54 10.96
C VAL C 78 -21.16 14.65 11.82
N ARG C 79 -21.29 13.75 12.78
CA ARG C 79 -22.52 13.69 13.63
C ARG C 79 -22.66 14.92 14.51
N GLU C 80 -21.55 15.45 15.02
CA GLU C 80 -21.61 16.64 15.87
C GLU C 80 -22.11 17.86 15.12
N ARG C 81 -22.17 17.81 13.79
CA ARG C 81 -22.70 18.88 12.97
C ARG C 81 -24.08 18.56 12.41
N GLY C 82 -24.72 17.50 12.92
CA GLY C 82 -26.06 17.14 12.54
C GLY C 82 -26.17 16.40 11.23
N LEU C 83 -25.07 15.93 10.66
CA LEU C 83 -25.10 15.30 9.36
C LEU C 83 -24.77 13.82 9.49
N ASN C 84 -24.96 13.08 8.39
CA ASN C 84 -24.57 11.67 8.41
C ASN C 84 -24.21 11.20 7.01
N ALA C 85 -23.53 12.05 6.24
CA ALA C 85 -23.02 11.68 4.93
C ALA C 85 -21.62 12.24 4.74
N ILE C 86 -20.78 11.43 4.12
CA ILE C 86 -19.39 11.80 3.72
C ILE C 86 -19.33 11.72 2.20
N VAL C 87 -18.68 12.69 1.56
CA VAL C 87 -18.46 12.63 0.09
C VAL C 87 -16.95 12.57 -0.15
N LYS C 88 -16.49 11.54 -0.86
CA LYS C 88 -15.05 11.35 -1.11
C LYS C 88 -14.79 11.11 -2.59
N GLY C 89 -13.71 11.67 -3.11
CA GLY C 89 -13.33 11.46 -4.51
C GLY C 89 -12.55 10.17 -4.67
N LEU C 90 -12.69 9.53 -5.81
CA LEU C 90 -12.09 8.23 -6.07
C LEU C 90 -11.44 8.19 -7.45
N ARG C 91 -10.27 7.56 -7.53
N ARG C 91 -10.26 7.57 -7.53
CA ARG C 91 -9.50 7.49 -8.81
CA ARG C 91 -9.47 7.48 -8.79
C ARG C 91 -9.44 6.06 -9.37
C ARG C 91 -9.47 6.05 -9.36
N THR C 92 -9.22 5.07 -8.51
CA THR C 92 -9.04 3.70 -8.98
C THR C 92 -9.93 2.73 -8.22
N GLY C 93 -10.00 1.50 -8.75
CA GLY C 93 -10.62 0.42 -8.01
C GLY C 93 -9.85 0.06 -6.75
N THR C 94 -8.53 0.24 -6.77
CA THR C 94 -7.73 0.09 -5.55
C THR C 94 -8.16 1.11 -4.50
N ASP C 95 -8.37 2.36 -4.92
CA ASP C 95 -8.97 3.36 -4.04
C ASP C 95 -10.26 2.84 -3.44
N PHE C 96 -11.12 2.24 -4.26
CA PHE C 96 -12.43 1.85 -3.76
C PHE C 96 -12.32 0.86 -2.60
N GLU C 97 -11.38 -0.09 -2.67
CA GLU C 97 -11.26 -1.21 -1.68
C GLU C 97 -10.85 -0.77 -0.27
N TYR C 98 -9.79 0.00 -0.12
CA TYR C 98 -9.45 0.47 1.23
C TYR C 98 -10.49 1.47 1.73
N GLU C 99 -10.96 2.37 0.86
CA GLU C 99 -12.02 3.28 1.26
C GLU C 99 -13.32 2.54 1.55
N LEU C 100 -13.53 1.39 0.89
CA LEU C 100 -14.72 0.60 1.15
C LEU C 100 -14.73 0.08 2.57
N GLN C 101 -13.57 -0.39 3.06
CA GLN C 101 -13.49 -0.88 4.43
C GLN C 101 -13.87 0.22 5.41
N MET C 102 -13.33 1.42 5.20
CA MET C 102 -13.61 2.52 6.11
C MET C 102 -15.08 2.94 6.03
N ALA C 103 -15.64 2.95 4.82
CA ALA C 103 -17.04 3.32 4.67
C ALA C 103 -17.92 2.34 5.42
N GLN C 104 -17.62 1.06 5.32
CA GLN C 104 -18.47 0.07 6.03
C GLN C 104 -18.29 0.18 7.54
N MET C 105 -17.07 0.43 7.97
CA MET C 105 -16.85 0.63 9.40
C MET C 105 -17.61 1.85 9.89
N ASN C 106 -17.53 2.96 9.13
CA ASN C 106 -18.18 4.19 9.56
C ASN C 106 -19.68 4.04 9.61
N LYS C 107 -20.27 3.30 8.66
CA LYS C 107 -21.70 3.02 8.71
C LYS C 107 -22.04 2.18 9.93
N HIS C 108 -21.18 1.22 10.24
CA HIS C 108 -21.45 0.31 11.36
C HIS C 108 -21.43 1.06 12.70
N ILE C 109 -20.44 1.92 12.90
CA ILE C 109 -20.25 2.49 14.23
C ILE C 109 -21.09 3.74 14.48
N ALA C 110 -21.58 4.40 13.42
CA ALA C 110 -22.24 5.69 13.60
C ALA C 110 -23.40 5.92 12.65
N GLY C 111 -23.71 4.99 11.74
CA GLY C 111 -24.78 5.18 10.79
C GLY C 111 -24.49 6.22 9.74
N VAL C 112 -23.23 6.59 9.57
CA VAL C 112 -22.84 7.62 8.61
C VAL C 112 -22.58 6.97 7.27
N ASP C 113 -23.20 7.52 6.25
CA ASP C 113 -23.07 6.96 4.88
C ASP C 113 -21.94 7.64 4.12
N THR C 114 -21.38 6.94 3.15
CA THR C 114 -20.29 7.51 2.32
C THR C 114 -20.65 7.42 0.84
N PHE C 115 -20.60 8.54 0.16
CA PHE C 115 -20.84 8.61 -1.27
C PHE C 115 -19.52 8.89 -1.97
N PHE C 116 -19.20 8.07 -2.95
CA PHE C 116 -17.94 8.25 -3.69
C PHE C 116 -18.24 8.86 -5.04
N VAL C 117 -17.37 9.77 -5.49
CA VAL C 117 -17.54 10.37 -6.80
C VAL C 117 -16.25 10.20 -7.59
N ALA C 118 -16.41 9.77 -8.84
CA ALA C 118 -15.27 9.57 -9.73
C ALA C 118 -14.62 10.90 -10.01
N THR C 119 -13.30 10.86 -9.99
CA THR C 119 -12.45 12.01 -10.30
C THR C 119 -12.69 12.53 -11.72
N ALA C 120 -12.59 13.83 -11.94
CA ALA C 120 -12.65 14.32 -13.35
C ALA C 120 -11.46 13.72 -14.09
N PRO C 121 -11.64 13.29 -15.35
CA PRO C 121 -10.51 12.65 -16.08
C PRO C 121 -9.23 13.47 -16.05
N ALA C 122 -9.33 14.79 -16.18
CA ALA C 122 -8.15 15.66 -16.25
C ALA C 122 -7.35 15.67 -14.96
N TYR C 123 -7.97 15.31 -13.84
CA TYR C 123 -7.29 15.28 -12.56
C TYR C 123 -7.09 13.85 -12.06
N SER C 124 -7.14 12.87 -12.95
CA SER C 124 -7.03 11.48 -12.52
C SER C 124 -5.70 11.19 -11.87
N PHE C 125 -4.65 11.92 -12.22
CA PHE C 125 -3.30 11.58 -11.78
C PHE C 125 -2.72 12.55 -10.76
N VAL C 126 -3.53 13.46 -10.30
CA VAL C 126 -3.09 14.53 -9.39
C VAL C 126 -3.35 14.10 -7.94
N SER C 127 -2.33 14.18 -7.10
CA SER C 127 -2.47 13.96 -5.64
C SER C 127 -1.64 15.04 -4.93
N SER C 128 -2.00 15.37 -3.70
CA SER C 128 -1.19 16.34 -2.96
C SER C 128 0.27 15.89 -2.90
N SER C 129 0.50 14.61 -2.64
CA SER C 129 1.86 14.13 -2.45
CA SER C 129 1.86 14.13 -2.45
C SER C 129 2.65 14.16 -3.75
N LEU C 130 2.07 13.67 -4.84
CA LEU C 130 2.80 13.66 -6.10
C LEU C 130 3.05 15.08 -6.59
N ALA C 131 2.11 16.00 -6.37
CA ALA C 131 2.34 17.38 -6.80
C ALA C 131 3.49 18.02 -6.02
N LYS C 132 3.55 17.77 -4.71
CA LYS C 132 4.65 18.30 -3.90
C LYS C 132 5.99 17.74 -4.36
N GLU C 133 6.04 16.43 -4.59
CA GLU C 133 7.28 15.77 -4.99
C GLU C 133 7.77 16.28 -6.34
N VAL C 134 6.87 16.38 -7.32
CA VAL C 134 7.25 16.87 -8.64
C VAL C 134 7.73 18.31 -8.54
N ALA C 135 6.99 19.15 -7.81
CA ALA C 135 7.37 20.56 -7.71
C ALA C 135 8.70 20.72 -6.99
N THR C 136 9.00 19.83 -6.05
CA THR C 136 10.27 19.91 -5.31
C THR C 136 11.46 19.80 -6.27
N TYR C 137 11.34 18.96 -7.29
CA TYR C 137 12.40 18.81 -8.28
C TYR C 137 12.23 19.71 -9.49
N GLY C 138 11.35 20.72 -9.41
CA GLY C 138 11.25 21.70 -10.45
C GLY C 138 10.24 21.42 -11.54
N GLY C 139 9.42 20.38 -11.41
CA GLY C 139 8.39 20.13 -12.41
C GLY C 139 7.23 21.11 -12.27
N ASP C 140 6.59 21.39 -13.41
CA ASP C 140 5.53 22.40 -13.51
C ASP C 140 4.19 21.75 -13.18
N VAL C 141 3.63 22.05 -12.02
CA VAL C 141 2.33 21.55 -11.61
C VAL C 141 1.27 22.64 -11.61
N SER C 142 1.54 23.76 -12.29
CA SER C 142 0.64 24.91 -12.22
C SER C 142 -0.75 24.59 -12.76
N ALA C 143 -0.85 23.61 -13.67
CA ALA C 143 -2.15 23.26 -14.25
C ALA C 143 -2.96 22.32 -13.36
N LEU C 144 -2.41 21.93 -12.22
CA LEU C 144 -3.01 20.89 -11.37
C LEU C 144 -3.48 21.42 -10.03
N LEU C 145 -3.24 22.69 -9.74
CA LEU C 145 -3.48 23.29 -8.44
C LEU C 145 -4.19 24.62 -8.64
N PRO C 146 -5.01 25.03 -7.69
CA PRO C 146 -5.60 26.37 -7.76
C PRO C 146 -4.50 27.42 -7.84
N ALA C 147 -4.76 28.47 -8.62
CA ALA C 147 -3.73 29.49 -8.88
C ALA C 147 -3.14 30.04 -7.59
N SER C 148 -3.99 30.26 -6.59
CA SER C 148 -3.50 30.69 -5.27
C SER C 148 -2.54 29.68 -4.67
N VAL C 149 -2.98 28.41 -4.58
CA VAL C 149 -2.17 27.35 -3.99
C VAL C 149 -0.80 27.29 -4.65
N HIS C 150 -0.79 27.38 -5.97
CA HIS C 150 0.49 27.28 -6.72
C HIS C 150 1.51 28.29 -6.22
N GLN C 151 1.13 29.56 -6.06
CA GLN C 151 2.13 30.54 -5.58
C GLN C 151 2.60 30.20 -4.16
N ARG C 152 1.67 29.81 -3.31
CA ARG C 152 2.03 29.47 -1.92
C ARG C 152 3.02 28.30 -1.93
N LEU C 153 2.80 27.35 -2.83
CA LEU C 153 3.72 26.21 -2.87
C LEU C 153 5.12 26.64 -3.27
N LEU C 154 5.22 27.50 -4.29
CA LEU C 154 6.52 28.02 -4.68
C LEU C 154 7.24 28.68 -3.51
N GLY C 155 6.46 29.34 -2.66
CA GLY C 155 7.04 30.01 -1.50
C GLY C 155 7.59 29.05 -0.49
N LYS C 156 6.95 27.92 -0.26
CA LYS C 156 7.46 26.98 0.77
C LYS C 156 8.76 26.34 0.30
N LEU C 157 8.91 26.21 -1.00
CA LEU C 157 10.10 25.58 -1.56
C LEU C 157 11.27 26.56 -1.69
N ARG C 158 10.99 27.78 -2.10
CA ARG C 158 12.04 28.80 -2.21
C ARG C 158 12.14 29.59 -0.92
#